data_5J7S
#
_entry.id   5J7S
#
_cell.length_a   58.234
_cell.length_b   134.060
_cell.length_c   146.814
_cell.angle_alpha   90.00
_cell.angle_beta   90.00
_cell.angle_gamma   90.00
#
_symmetry.space_group_name_H-M   'I 2 2 2'
#
loop_
_entity.id
_entity.type
_entity.pdbx_description
1 polymer 'Mitogen-activated protein kinase kinase kinase 7/TGF-beta-activated kinase 1 and MAP3K7-binding protein 1 chimera'
2 non-polymer N-{2-[(5-chloro-2-{[4-(4-methylpiperazin-1-yl)phenyl]amino}pyrimidin-4-yl)amino]phenyl}propanamide
#
_entity_poly.entity_id   1
_entity_poly.type   'polypeptide(L)'
_entity_poly.pdbx_seq_one_letter_code
;SLHMIDYKEIEVEEVVGRGAFGVVCKAKWRAKDVAIKQIESESERKAFIVELRQLSRVNHPNIVKLYGACLNPVCLVMEY
AEGGSLYNVLHGAEPLPYYTAAHAMSWCLQCSQGVAYLHSMQPKALIHRDLKPPNLLLVAGGTVLKICDFGTACDIQTHM
TNNKGSAAWMAPEVFEGSNYSEKCDVFSWGIILWEVITRRKPFDEIGGPAFRIMWAVHNGTRPPLIKNLPKPIESLMTRC
WSKDPSQRPSMEEIVKIMTHLMRYFPGADEPLQYPCQHSLPPGEDGRVEPYVDFAEFYRLWSVDHGEQSVVTAP
;
_entity_poly.pdbx_strand_id   A
#
# COMPACT_ATOMS: atom_id res chain seq x y z
N SER A 1 -2.92 25.70 10.22
CA SER A 1 -2.49 24.44 9.61
C SER A 1 -2.29 23.34 10.66
N LEU A 2 -1.64 23.67 11.78
CA LEU A 2 -1.31 22.69 12.81
C LEU A 2 -2.01 23.03 14.12
N HIS A 3 -2.31 21.99 14.90
CA HIS A 3 -2.81 22.15 16.26
C HIS A 3 -1.66 21.82 17.20
N MET A 4 -1.49 22.63 18.24
CA MET A 4 -0.34 22.48 19.10
C MET A 4 -0.61 21.46 20.21
N ILE A 5 0.47 20.87 20.72
CA ILE A 5 0.39 19.84 21.75
C ILE A 5 1.03 20.36 23.03
N ASP A 6 0.35 20.13 24.15
CA ASP A 6 0.88 20.44 25.46
C ASP A 6 1.32 19.20 26.23
N TYR A 7 1.07 18.01 25.69
CA TYR A 7 1.40 16.74 26.32
C TYR A 7 0.45 16.41 27.48
N LYS A 8 0.03 17.42 28.26
CA LYS A 8 -0.80 17.13 29.42
C LYS A 8 -2.12 16.48 29.01
N GLU A 9 -2.76 16.99 27.96
CA GLU A 9 -4.03 16.45 27.52
C GLU A 9 -3.89 15.22 26.64
N ILE A 10 -2.66 14.82 26.32
CA ILE A 10 -2.41 13.60 25.55
C ILE A 10 -2.24 12.46 26.55
N GLU A 11 -3.20 11.54 26.59
CA GLU A 11 -3.20 10.45 27.55
C GLU A 11 -2.66 9.19 26.86
N VAL A 12 -1.36 8.93 27.03
CA VAL A 12 -0.77 7.71 26.48
C VAL A 12 -1.31 6.51 27.22
N GLU A 13 -1.49 5.39 26.51
CA GLU A 13 -1.99 4.18 27.15
C GLU A 13 -1.09 3.00 26.86
N GLU A 14 -1.01 2.56 25.61
CA GLU A 14 -0.31 1.33 25.29
C GLU A 14 0.58 1.52 24.07
N VAL A 15 1.49 0.57 23.89
CA VAL A 15 2.51 0.64 22.84
C VAL A 15 2.00 -0.08 21.60
N VAL A 16 2.44 0.39 20.43
CA VAL A 16 1.97 -0.12 19.15
C VAL A 16 3.06 -0.93 18.46
N GLY A 17 3.91 -0.24 17.68
CA GLY A 17 4.92 -0.90 16.89
C GLY A 17 6.27 -0.24 17.07
N ARG A 18 7.28 -0.86 16.47
CA ARG A 18 8.68 -0.48 16.63
C ARG A 18 9.33 -0.25 15.27
N GLY A 19 8.68 0.55 14.43
CA GLY A 19 9.19 0.80 13.09
C GLY A 19 9.03 2.24 12.65
N GLY A 22 11.31 4.15 14.53
CA GLY A 22 10.96 4.82 15.77
C GLY A 22 9.99 4.02 16.62
N VAL A 23 9.58 4.58 17.77
CA VAL A 23 8.56 3.96 18.63
C VAL A 23 7.24 4.67 18.42
N VAL A 24 6.14 3.91 18.49
CA VAL A 24 4.79 4.41 18.24
C VAL A 24 3.87 3.96 19.37
N CYS A 25 3.01 4.87 19.84
CA CYS A 25 2.12 4.58 20.96
C CYS A 25 0.72 5.10 20.68
N LYS A 26 -0.27 4.32 21.11
CA LYS A 26 -1.66 4.74 21.07
C LYS A 26 -1.92 5.75 22.19
N ALA A 27 -2.82 6.68 21.93
CA ALA A 27 -3.14 7.72 22.90
C ALA A 27 -4.56 8.20 22.67
N LYS A 28 -5.02 9.10 23.55
CA LYS A 28 -6.31 9.75 23.44
C LYS A 28 -6.07 11.24 23.59
N TRP A 29 -6.65 12.04 22.69
CA TRP A 29 -6.39 13.47 22.64
C TRP A 29 -7.69 14.19 22.31
N ARG A 30 -8.28 14.83 23.31
CA ARG A 30 -9.58 15.48 23.16
C ARG A 30 -10.65 14.44 22.83
N ALA A 31 -10.58 13.29 23.49
CA ALA A 31 -11.53 12.19 23.28
C ALA A 31 -11.47 11.65 21.87
N LYS A 32 -10.26 11.51 21.33
CA LYS A 32 -10.03 10.97 19.98
C LYS A 32 -8.86 10.01 20.05
N ASP A 33 -9.07 8.77 19.65
CA ASP A 33 -7.96 7.83 19.53
C ASP A 33 -6.96 8.37 18.51
N VAL A 34 -5.68 8.38 18.89
CA VAL A 34 -4.63 9.02 18.09
C VAL A 34 -3.31 8.32 18.38
N ALA A 35 -2.37 8.48 17.45
CA ALA A 35 -1.04 7.91 17.57
C ALA A 35 -0.01 9.03 17.64
N ILE A 36 1.15 8.69 18.21
CA ILE A 36 2.24 9.65 18.39
C ILE A 36 3.58 8.93 18.31
N LYS A 37 4.62 9.69 17.95
CA LYS A 37 5.98 9.16 17.87
C LYS A 37 6.94 10.05 18.65
N LYS A 46 17.02 13.27 14.29
CA LYS A 46 15.86 13.86 14.93
C LYS A 46 15.43 15.17 14.24
N ALA A 47 16.28 15.66 13.34
CA ALA A 47 16.03 16.92 12.64
C ALA A 47 15.14 16.74 11.41
N PHE A 48 14.43 15.62 11.31
CA PHE A 48 13.68 15.30 10.11
C PHE A 48 12.36 16.05 10.01
N ILE A 49 11.87 16.57 11.13
CA ILE A 49 10.61 17.29 11.14
C ILE A 49 10.73 18.62 10.40
N VAL A 50 11.96 19.18 10.31
CA VAL A 50 12.16 20.43 9.59
C VAL A 50 11.62 20.32 8.17
N GLU A 51 11.81 19.15 7.56
CA GLU A 51 11.26 18.90 6.23
C GLU A 51 9.76 18.63 6.29
N LEU A 52 9.28 18.05 7.39
CA LEU A 52 7.88 17.71 7.52
C LEU A 52 6.98 18.93 7.71
N ARG A 53 7.56 20.07 8.12
CA ARG A 53 6.77 21.30 8.20
C ARG A 53 6.33 21.77 6.81
N GLN A 54 7.23 21.66 5.83
CA GLN A 54 6.90 22.11 4.48
C GLN A 54 5.92 21.17 3.80
N LEU A 55 5.98 19.87 4.11
CA LEU A 55 5.11 18.90 3.45
C LEU A 55 3.74 18.82 4.09
N SER A 56 3.59 19.18 5.37
CA SER A 56 2.34 18.97 6.09
C SER A 56 1.26 19.96 5.68
N ARG A 57 1.03 20.08 4.37
CA ARG A 57 -0.14 20.77 3.85
C ARG A 57 -1.13 19.77 3.27
N VAL A 58 -1.06 18.53 3.74
CA VAL A 58 -1.78 17.42 3.14
C VAL A 58 -3.11 17.27 3.82
N ASN A 59 -4.15 17.08 3.02
CA ASN A 59 -5.46 16.74 3.53
C ASN A 59 -6.08 15.84 2.47
N HIS A 60 -6.10 14.54 2.73
CA HIS A 60 -6.70 13.60 1.80
C HIS A 60 -7.24 12.41 2.59
N PRO A 61 -8.38 11.87 2.17
CA PRO A 61 -8.98 10.76 2.95
C PRO A 61 -8.10 9.53 3.04
N ASN A 62 -7.26 9.31 2.04
CA ASN A 62 -6.40 8.14 1.97
C ASN A 62 -4.97 8.45 2.40
N ILE A 63 -4.79 9.47 3.25
CA ILE A 63 -3.51 9.80 3.86
C ILE A 63 -3.75 10.00 5.35
N VAL A 64 -2.90 9.41 6.18
CA VAL A 64 -3.11 9.50 7.62
C VAL A 64 -3.11 10.96 8.02
N LYS A 65 -4.18 11.39 8.68
CA LYS A 65 -4.35 12.79 9.04
C LYS A 65 -3.28 13.20 10.05
N LEU A 66 -2.36 14.06 9.62
CA LEU A 66 -1.25 14.57 10.45
C LEU A 66 -1.77 15.69 11.35
N TYR A 67 -2.08 15.36 12.60
CA TYR A 67 -2.60 16.37 13.52
C TYR A 67 -1.54 17.41 13.85
N LEU A 71 5.49 19.49 22.44
CA LEU A 71 6.73 19.20 21.73
C LEU A 71 7.89 18.98 22.69
N ASN A 72 7.59 18.48 23.89
CA ASN A 72 8.63 18.14 24.85
C ASN A 72 8.14 16.96 25.70
N PRO A 73 8.56 15.74 25.35
CA PRO A 73 9.41 15.37 24.21
C PRO A 73 8.80 15.76 22.86
N VAL A 74 9.59 15.71 21.79
CA VAL A 74 9.09 16.04 20.46
C VAL A 74 8.10 14.96 20.01
N CYS A 75 6.97 15.39 19.47
CA CYS A 75 5.92 14.47 19.08
C CYS A 75 5.28 14.89 17.78
N LEU A 76 5.00 13.91 16.94
CA LEU A 76 4.13 14.05 15.78
C LEU A 76 2.85 13.31 16.09
N VAL A 77 1.72 14.00 15.98
CA VAL A 77 0.41 13.46 16.33
C VAL A 77 -0.30 13.06 15.04
N MET A 78 -0.62 11.79 14.92
CA MET A 78 -1.27 11.23 13.74
C MET A 78 -2.53 10.52 14.17
N GLU A 79 -3.57 10.60 13.33
CA GLU A 79 -4.78 9.88 13.64
C GLU A 79 -4.47 8.40 13.80
N TYR A 80 -5.20 7.75 14.70
CA TYR A 80 -5.01 6.33 14.94
C TYR A 80 -5.79 5.51 13.92
N ALA A 81 -5.22 4.40 13.48
CA ALA A 81 -5.86 3.48 12.56
C ALA A 81 -6.11 2.17 13.30
N GLU A 82 -7.38 1.94 13.66
CA GLU A 82 -7.75 0.76 14.43
C GLU A 82 -7.22 -0.52 13.81
N GLY A 83 -7.26 -0.61 12.48
CA GLY A 83 -7.06 -1.86 11.76
C GLY A 83 -5.63 -2.29 11.48
N GLY A 84 -4.62 -1.53 11.92
CA GLY A 84 -3.26 -1.96 11.67
C GLY A 84 -2.86 -1.81 10.21
N SER A 85 -1.80 -2.50 9.83
CA SER A 85 -1.20 -2.37 8.51
C SER A 85 -1.77 -3.38 7.54
N LEU A 86 -1.79 -3.01 6.27
CA LEU A 86 -2.11 -3.96 5.22
C LEU A 86 -1.21 -5.20 5.33
N TYR A 87 0.09 -4.97 5.53
CA TYR A 87 1.04 -6.08 5.63
C TYR A 87 0.62 -7.09 6.69
N ASN A 88 0.20 -6.59 7.85
CA ASN A 88 -0.24 -7.49 8.92
C ASN A 88 -1.56 -8.18 8.57
N VAL A 89 -2.47 -7.49 7.87
CA VAL A 89 -3.69 -8.16 7.41
C VAL A 89 -3.36 -9.29 6.45
N LEU A 90 -2.42 -9.04 5.54
CA LEU A 90 -2.13 -10.01 4.49
C LEU A 90 -1.35 -11.20 5.01
N HIS A 91 -0.34 -10.95 5.85
CA HIS A 91 0.69 -11.93 6.16
C HIS A 91 0.92 -12.11 7.65
N GLY A 92 0.12 -11.49 8.51
CA GLY A 92 0.42 -11.43 9.92
C GLY A 92 0.11 -12.71 10.66
N ALA A 93 -0.14 -12.56 11.96
CA ALA A 93 -0.32 -13.71 12.83
C ALA A 93 -1.73 -14.25 12.67
N GLU A 94 -1.84 -15.57 12.63
CA GLU A 94 -3.13 -16.20 12.58
C GLU A 94 -3.91 -15.77 13.81
N PRO A 95 -5.25 -15.71 13.72
CA PRO A 95 -6.00 -16.05 12.50
C PRO A 95 -6.05 -14.90 11.52
N LEU A 96 -5.90 -15.22 10.32
CA LEU A 96 -5.93 -14.18 9.30
C LEU A 96 -7.34 -14.01 8.76
N PRO A 97 -7.73 -12.80 8.41
CA PRO A 97 -9.07 -12.58 7.87
C PRO A 97 -9.18 -13.03 6.41
N TYR A 98 -10.40 -13.43 6.05
CA TYR A 98 -10.75 -13.59 4.65
C TYR A 98 -10.89 -12.23 3.98
N TYR A 99 -10.57 -12.17 2.70
CA TYR A 99 -10.95 -11.00 1.90
C TYR A 99 -11.13 -11.41 0.44
N THR A 100 -11.67 -10.48 -0.33
CA THR A 100 -12.12 -10.79 -1.68
C THR A 100 -11.36 -9.97 -2.70
N ALA A 101 -11.58 -10.35 -3.96
CA ALA A 101 -11.07 -9.59 -5.08
C ALA A 101 -11.48 -8.12 -4.98
N ALA A 102 -12.70 -7.87 -4.53
CA ALA A 102 -13.13 -6.48 -4.39
C ALA A 102 -12.28 -5.75 -3.36
N HIS A 103 -11.97 -6.41 -2.24
CA HIS A 103 -11.09 -5.76 -1.26
C HIS A 103 -9.74 -5.47 -1.88
N ALA A 104 -9.17 -6.44 -2.59
CA ALA A 104 -7.82 -6.26 -3.12
C ALA A 104 -7.78 -5.08 -4.08
N MET A 105 -8.77 -4.98 -4.96
CA MET A 105 -8.80 -3.89 -5.92
C MET A 105 -9.08 -2.57 -5.23
N SER A 106 -9.93 -2.59 -4.20
CA SER A 106 -10.29 -1.35 -3.54
C SER A 106 -9.10 -0.78 -2.78
N TRP A 107 -8.35 -1.64 -2.08
CA TRP A 107 -7.16 -1.19 -1.38
C TRP A 107 -6.22 -0.50 -2.35
N CYS A 108 -5.90 -1.17 -3.45
CA CYS A 108 -4.99 -0.62 -4.43
C CYS A 108 -5.53 0.68 -5.03
N LEU A 109 -6.84 0.75 -5.27
CA LEU A 109 -7.41 1.98 -5.81
C LEU A 109 -7.22 3.13 -4.84
N GLN A 110 -7.60 2.92 -3.57
CA GLN A 110 -7.41 3.96 -2.56
C GLN A 110 -5.93 4.29 -2.38
N CYS A 111 -5.05 3.31 -2.59
CA CYS A 111 -3.62 3.61 -2.49
C CYS A 111 -3.23 4.60 -3.58
N SER A 112 -3.67 4.34 -4.81
CA SER A 112 -3.29 5.18 -5.94
C SER A 112 -3.95 6.54 -5.84
N GLN A 113 -5.08 6.64 -5.17
CA GLN A 113 -5.70 7.96 -5.00
C GLN A 113 -4.85 8.83 -4.08
N GLY A 114 -4.36 8.26 -2.98
CA GLY A 114 -3.47 9.01 -2.10
C GLY A 114 -2.17 9.37 -2.78
N VAL A 115 -1.61 8.45 -3.56
CA VAL A 115 -0.32 8.71 -4.19
C VAL A 115 -0.47 9.76 -5.28
N ALA A 116 -1.59 9.74 -6.01
CA ALA A 116 -1.84 10.79 -7.00
C ALA A 116 -1.96 12.16 -6.34
N TYR A 117 -2.58 12.22 -5.17
CA TYR A 117 -2.68 13.50 -4.46
C TYR A 117 -1.30 14.08 -4.20
N LEU A 118 -0.39 13.27 -3.68
CA LEU A 118 0.95 13.74 -3.38
C LEU A 118 1.68 14.16 -4.65
N HIS A 119 1.48 13.41 -5.73
CA HIS A 119 2.10 13.73 -7.01
C HIS A 119 1.60 15.05 -7.59
N SER A 120 0.44 15.52 -7.16
CA SER A 120 -0.18 16.70 -7.72
C SER A 120 0.00 17.93 -6.85
N MET A 121 0.85 17.86 -5.83
CA MET A 121 0.97 18.97 -4.91
C MET A 121 1.84 20.07 -5.49
N GLN A 122 1.38 21.31 -5.31
CA GLN A 122 2.14 22.49 -5.71
C GLN A 122 2.88 23.04 -4.48
N PRO A 123 4.04 23.67 -4.67
CA PRO A 123 4.69 23.97 -5.96
C PRO A 123 5.32 22.76 -6.64
N LYS A 124 5.85 21.81 -5.87
CA LYS A 124 6.47 20.62 -6.42
C LYS A 124 5.78 19.37 -5.87
N ALA A 125 5.77 18.33 -6.69
CA ALA A 125 5.20 17.04 -6.30
C ALA A 125 6.01 16.43 -5.16
N LEU A 126 5.34 15.59 -4.39
CA LEU A 126 5.98 14.82 -3.32
C LEU A 126 6.02 13.35 -3.72
N ILE A 127 7.21 12.79 -3.83
CA ILE A 127 7.40 11.37 -4.06
C ILE A 127 7.45 10.66 -2.71
N HIS A 128 6.67 9.60 -2.57
CA HIS A 128 6.62 8.84 -1.30
C HIS A 128 7.84 7.93 -1.14
N ARG A 129 8.28 7.29 -2.23
CA ARG A 129 9.50 6.49 -2.24
C ARG A 129 9.33 5.13 -1.56
N ASP A 130 8.85 5.11 -0.32
CA ASP A 130 8.81 3.86 0.45
C ASP A 130 7.39 3.30 0.51
N LEU A 131 6.81 3.12 -0.67
CA LEU A 131 5.44 2.64 -0.81
C LEU A 131 5.43 1.12 -0.65
N LYS A 132 4.83 0.63 0.44
CA LYS A 132 4.83 -0.80 0.75
C LYS A 132 3.75 -1.07 1.79
N PRO A 133 3.27 -2.31 1.89
CA PRO A 133 2.08 -2.58 2.71
C PRO A 133 2.27 -2.23 4.18
N PRO A 134 3.49 -2.32 4.72
CA PRO A 134 3.66 -1.94 6.13
C PRO A 134 3.33 -0.47 6.40
N ASN A 135 3.37 0.38 5.37
CA ASN A 135 3.04 1.80 5.52
C ASN A 135 1.64 2.13 5.02
N LEU A 136 0.83 1.12 4.74
CA LEU A 136 -0.56 1.29 4.37
C LEU A 136 -1.40 0.81 5.55
N LEU A 137 -2.16 1.74 6.14
CA LEU A 137 -2.97 1.45 7.31
C LEU A 137 -4.43 1.28 6.92
N LEU A 138 -5.15 0.49 7.73
CA LEU A 138 -6.53 0.14 7.45
C LEU A 138 -7.43 0.62 8.57
N VAL A 139 -8.57 1.20 8.18
CA VAL A 139 -9.55 1.75 9.09
C VAL A 139 -10.91 1.20 8.69
N ALA A 140 -11.90 1.38 9.57
CA ALA A 140 -13.29 1.05 9.28
C ALA A 140 -13.42 -0.40 8.78
N GLY A 141 -13.11 -1.33 9.70
CA GLY A 141 -13.26 -2.75 9.40
C GLY A 141 -12.36 -3.25 8.28
N GLY A 142 -11.24 -2.57 8.01
CA GLY A 142 -10.33 -2.97 6.94
C GLY A 142 -10.70 -2.48 5.55
N THR A 143 -11.68 -1.59 5.43
CA THR A 143 -12.23 -1.22 4.13
C THR A 143 -11.65 0.06 3.57
N VAL A 144 -11.05 0.88 4.44
CA VAL A 144 -10.47 2.15 4.05
C VAL A 144 -8.98 2.05 4.29
N LEU A 145 -8.21 2.36 3.27
CA LEU A 145 -6.77 2.33 3.36
C LEU A 145 -6.25 3.76 3.44
N LYS A 146 -5.25 3.98 4.30
CA LYS A 146 -4.63 5.28 4.47
C LYS A 146 -3.12 5.12 4.40
N ILE A 147 -2.48 5.86 3.50
CA ILE A 147 -1.01 5.86 3.41
C ILE A 147 -0.42 6.53 4.63
N CYS A 148 0.64 5.96 5.17
CA CYS A 148 1.37 6.55 6.28
C CYS A 148 2.61 7.22 5.70
N ASP A 149 2.45 8.51 5.38
CA ASP A 149 3.42 9.22 4.55
C ASP A 149 4.84 9.10 5.10
N PHE A 150 5.80 9.06 4.18
CA PHE A 150 7.19 8.84 4.53
C PHE A 150 8.07 8.92 3.27
N GLY A 165 13.62 -3.36 5.12
CA GLY A 165 13.75 -4.29 4.02
C GLY A 165 12.73 -4.01 2.93
N SER A 166 12.93 -2.89 2.26
CA SER A 166 12.05 -2.43 1.19
C SER A 166 12.45 -2.95 -0.19
N ALA A 167 13.44 -3.84 -0.27
CA ALA A 167 14.00 -4.19 -1.58
C ALA A 167 12.94 -4.74 -2.52
N ALA A 168 12.00 -5.52 -1.98
CA ALA A 168 11.01 -6.20 -2.83
C ALA A 168 10.07 -5.24 -3.52
N TRP A 169 9.91 -4.01 -3.00
CA TRP A 169 9.02 -3.01 -3.57
C TRP A 169 9.74 -1.81 -4.21
N MET A 170 11.05 -1.83 -4.35
CA MET A 170 11.76 -0.67 -4.86
C MET A 170 12.01 -0.80 -6.36
N ALA A 171 11.64 0.22 -7.12
CA ALA A 171 11.99 0.30 -8.53
C ALA A 171 13.51 0.17 -8.70
N PRO A 172 13.97 -0.51 -9.74
CA PRO A 172 15.41 -0.78 -9.85
C PRO A 172 16.27 0.46 -10.02
N GLU A 173 15.75 1.53 -10.60
CA GLU A 173 16.54 2.73 -10.81
C GLU A 173 16.82 3.47 -9.51
N VAL A 174 16.10 3.15 -8.44
CA VAL A 174 16.26 3.90 -7.20
C VAL A 174 17.47 3.40 -6.43
N PHE A 175 17.59 2.08 -6.27
CA PHE A 175 18.76 1.51 -5.63
C PHE A 175 19.92 1.36 -6.61
N GLU A 176 19.69 1.61 -7.89
CA GLU A 176 20.76 1.82 -8.84
C GLU A 176 21.43 3.18 -8.63
N GLY A 177 20.90 4.01 -7.74
CA GLY A 177 21.46 5.29 -7.41
C GLY A 177 20.98 6.41 -8.30
N SER A 178 20.83 6.13 -9.59
CA SER A 178 20.45 7.15 -10.55
C SER A 178 19.21 7.89 -10.07
N ASN A 179 19.20 9.21 -10.30
CA ASN A 179 18.05 10.02 -9.96
C ASN A 179 16.78 9.33 -10.44
N TYR A 180 15.69 9.61 -9.76
CA TYR A 180 14.44 8.92 -10.00
C TYR A 180 13.29 9.91 -10.00
N SER A 181 12.24 9.56 -10.70
CA SER A 181 11.06 10.41 -10.74
C SER A 181 10.02 9.80 -9.80
N GLU A 182 8.77 10.24 -9.93
CA GLU A 182 7.69 9.67 -9.17
C GLU A 182 7.17 8.37 -9.78
N LYS A 183 7.68 7.99 -10.95
CA LYS A 183 7.42 6.67 -11.49
C LYS A 183 7.90 5.54 -10.58
N CYS A 184 8.74 5.82 -9.58
CA CYS A 184 9.21 4.73 -8.74
C CYS A 184 8.08 4.23 -7.83
N ASP A 185 7.15 5.13 -7.47
CA ASP A 185 5.94 4.73 -6.74
C ASP A 185 5.02 3.87 -7.60
N VAL A 186 4.92 4.17 -8.89
CA VAL A 186 4.16 3.33 -9.81
C VAL A 186 4.69 1.90 -9.79
N PHE A 187 6.02 1.76 -9.80
CA PHE A 187 6.62 0.44 -9.67
C PHE A 187 6.15 -0.24 -8.39
N SER A 188 6.24 0.47 -7.26
CA SER A 188 5.87 -0.13 -5.97
C SER A 188 4.41 -0.55 -6.01
N TRP A 189 3.55 0.33 -6.51
CA TRP A 189 2.12 0.04 -6.61
C TRP A 189 1.90 -1.23 -7.40
N GLY A 190 2.61 -1.41 -8.52
CA GLY A 190 2.49 -2.65 -9.27
C GLY A 190 2.76 -3.88 -8.42
N ILE A 191 3.83 -3.84 -7.62
CA ILE A 191 4.18 -4.98 -6.77
C ILE A 191 3.08 -5.22 -5.74
N ILE A 192 2.59 -4.15 -5.12
CA ILE A 192 1.53 -4.28 -4.13
C ILE A 192 0.30 -4.93 -4.76
N LEU A 193 -0.03 -4.55 -6.00
CA LEU A 193 -1.20 -5.14 -6.65
C LEU A 193 -1.04 -6.66 -6.79
N TRP A 194 0.16 -7.11 -7.17
CA TRP A 194 0.43 -8.55 -7.21
C TRP A 194 0.30 -9.17 -5.82
N GLU A 195 0.60 -8.38 -4.80
CA GLU A 195 0.72 -8.92 -3.46
C GLU A 195 -0.64 -9.17 -2.84
N VAL A 196 -1.59 -8.24 -3.02
CA VAL A 196 -2.91 -8.44 -2.46
C VAL A 196 -3.74 -9.41 -3.28
N ILE A 197 -3.42 -9.55 -4.57
CA ILE A 197 -4.11 -10.56 -5.38
C ILE A 197 -3.68 -11.98 -5.00
N THR A 198 -2.37 -12.19 -4.76
CA THR A 198 -1.85 -13.53 -4.52
C THR A 198 -1.73 -13.88 -3.04
N ARG A 199 -1.77 -12.86 -2.17
CA ARG A 199 -1.51 -13.02 -0.75
C ARG A 199 -0.19 -13.75 -0.50
N ARG A 200 0.83 -13.33 -1.27
CA ARG A 200 2.20 -13.80 -1.15
C ARG A 200 3.17 -12.62 -0.95
N LYS A 201 4.23 -12.85 -0.19
CA LYS A 201 5.27 -11.85 -0.04
C LYS A 201 6.09 -11.82 -1.31
N PRO A 202 6.22 -10.67 -1.98
CA PRO A 202 7.01 -10.64 -3.22
C PRO A 202 8.45 -11.00 -2.92
N PHE A 203 9.00 -11.90 -3.74
CA PHE A 203 10.39 -12.32 -3.62
C PHE A 203 10.66 -12.92 -2.24
N ASP A 204 9.76 -13.80 -1.82
CA ASP A 204 10.04 -14.58 -0.64
C ASP A 204 10.90 -15.79 -0.98
N GLU A 205 10.83 -16.24 -2.23
CA GLU A 205 11.62 -17.38 -2.66
C GLU A 205 13.11 -17.04 -2.72
N ILE A 206 13.44 -15.79 -2.98
CA ILE A 206 14.83 -15.37 -2.98
C ILE A 206 15.30 -15.10 -1.56
N GLY A 207 14.66 -14.14 -0.90
CA GLY A 207 15.04 -13.81 0.45
C GLY A 207 16.53 -13.57 0.58
N GLY A 208 17.08 -13.98 1.71
CA GLY A 208 18.44 -13.69 2.03
C GLY A 208 18.61 -12.21 2.28
N PRO A 209 19.83 -11.73 2.28
CA PRO A 209 20.06 -10.29 2.44
C PRO A 209 19.51 -9.48 1.26
N ALA A 210 19.22 -8.21 1.54
CA ALA A 210 18.56 -7.35 0.56
C ALA A 210 19.25 -7.40 -0.80
N PHE A 211 20.58 -7.30 -0.84
CA PHE A 211 21.26 -7.14 -2.13
C PHE A 211 20.92 -8.27 -3.10
N ARG A 212 20.50 -9.43 -2.59
CA ARG A 212 20.14 -10.54 -3.48
C ARG A 212 18.87 -10.22 -4.27
N ILE A 213 17.92 -9.53 -3.65
CA ILE A 213 16.70 -9.16 -4.35
C ILE A 213 16.98 -8.01 -5.31
N MET A 214 17.76 -7.02 -4.85
CA MET A 214 18.20 -5.92 -5.73
C MET A 214 18.90 -6.45 -6.97
N TRP A 215 19.84 -7.38 -6.79
CA TRP A 215 20.45 -7.98 -7.96
C TRP A 215 19.39 -8.62 -8.85
N ALA A 216 18.41 -9.31 -8.25
CA ALA A 216 17.40 -10.04 -9.04
C ALA A 216 16.56 -9.09 -9.90
N VAL A 217 16.00 -8.06 -9.30
CA VAL A 217 15.05 -7.21 -10.04
C VAL A 217 15.81 -6.29 -10.99
N HIS A 218 17.03 -5.91 -10.64
CA HIS A 218 17.89 -5.15 -11.55
C HIS A 218 18.12 -5.91 -12.84
N ASN A 219 18.31 -7.23 -12.75
CA ASN A 219 18.45 -8.11 -13.91
C ASN A 219 17.14 -8.41 -14.63
N GLY A 220 15.99 -7.92 -14.13
CA GLY A 220 14.72 -8.11 -14.80
C GLY A 220 13.75 -9.08 -14.16
N THR A 221 14.13 -9.74 -13.06
CA THR A 221 13.21 -10.65 -12.37
C THR A 221 12.00 -9.89 -11.84
N ARG A 222 10.82 -10.50 -11.99
CA ARG A 222 9.56 -9.94 -11.52
C ARG A 222 8.74 -11.05 -10.90
N PRO A 223 7.78 -10.71 -10.05
CA PRO A 223 6.96 -11.75 -9.46
C PRO A 223 6.32 -12.60 -10.54
N PRO A 224 6.07 -13.87 -10.27
CA PRO A 224 5.51 -14.75 -11.31
C PRO A 224 4.12 -14.27 -11.70
N LEU A 225 3.77 -14.51 -12.97
CA LEU A 225 2.48 -14.05 -13.39
C LEU A 225 1.41 -15.01 -12.87
N ILE A 226 0.17 -14.50 -12.83
CA ILE A 226 -0.88 -15.09 -12.00
C ILE A 226 -1.83 -15.87 -12.88
N LYS A 227 -2.13 -17.10 -12.47
CA LYS A 227 -2.95 -18.00 -13.26
C LYS A 227 -4.37 -17.45 -13.31
N ASN A 228 -4.92 -17.35 -14.53
CA ASN A 228 -6.29 -16.91 -14.76
C ASN A 228 -6.52 -15.42 -14.45
N LEU A 229 -5.48 -14.61 -14.34
CA LEU A 229 -5.66 -13.19 -14.06
C LEU A 229 -6.29 -12.50 -15.28
N PRO A 230 -7.21 -11.56 -15.07
CA PRO A 230 -7.84 -10.88 -16.22
C PRO A 230 -6.84 -10.03 -17.01
N LYS A 231 -6.86 -10.18 -18.34
CA LYS A 231 -5.87 -9.50 -19.17
C LYS A 231 -5.80 -7.99 -18.93
N PRO A 232 -6.90 -7.26 -18.77
CA PRO A 232 -6.74 -5.84 -18.38
C PRO A 232 -5.88 -5.66 -17.14
N ILE A 233 -6.08 -6.49 -16.10
CA ILE A 233 -5.31 -6.33 -14.87
C ILE A 233 -3.86 -6.77 -15.08
N GLU A 234 -3.66 -7.91 -15.75
CA GLU A 234 -2.29 -8.32 -16.07
C GLU A 234 -1.58 -7.22 -16.82
N SER A 235 -2.26 -6.59 -17.79
CA SER A 235 -1.62 -5.58 -18.62
C SER A 235 -1.22 -4.37 -17.78
N LEU A 236 -2.09 -3.95 -16.86
CA LEU A 236 -1.76 -2.78 -16.03
C LEU A 236 -0.62 -3.10 -15.07
N MET A 237 -0.67 -4.28 -14.45
CA MET A 237 0.34 -4.66 -13.49
C MET A 237 1.71 -4.68 -14.15
N THR A 238 1.82 -5.36 -15.29
CA THR A 238 3.13 -5.49 -15.91
C THR A 238 3.64 -4.16 -16.47
N ARG A 239 2.74 -3.27 -16.92
CA ARG A 239 3.19 -1.94 -17.33
C ARG A 239 3.85 -1.22 -16.16
N CYS A 240 3.30 -1.37 -14.96
CA CYS A 240 3.92 -0.77 -13.78
C CYS A 240 5.30 -1.35 -13.51
N TRP A 241 5.55 -2.60 -13.90
CA TRP A 241 6.81 -3.29 -13.64
C TRP A 241 7.90 -2.99 -14.65
N SER A 242 7.61 -2.16 -15.66
CA SER A 242 8.57 -1.97 -16.74
C SER A 242 9.93 -1.49 -16.24
N LYS A 243 11.00 -2.06 -16.79
CA LYS A 243 12.32 -1.54 -16.47
C LYS A 243 12.39 -0.03 -16.72
N ASP A 244 11.95 0.38 -17.90
CA ASP A 244 12.06 1.79 -18.27
C ASP A 244 10.95 2.57 -17.58
N PRO A 245 11.26 3.49 -16.66
CA PRO A 245 10.19 4.19 -15.91
C PRO A 245 9.25 4.99 -16.79
N SER A 246 9.70 5.47 -17.95
CA SER A 246 8.86 6.31 -18.79
C SER A 246 7.76 5.52 -19.48
N GLN A 247 7.84 4.19 -19.47
CA GLN A 247 6.81 3.34 -20.00
C GLN A 247 5.79 2.91 -18.94
N ARG A 248 6.02 3.25 -17.70
CA ARG A 248 5.01 3.00 -16.69
C ARG A 248 3.94 4.08 -16.78
N PRO A 249 2.71 3.78 -16.38
CA PRO A 249 1.67 4.82 -16.40
C PRO A 249 1.78 5.77 -15.22
N SER A 250 1.35 7.01 -15.46
CA SER A 250 1.14 7.95 -14.38
C SER A 250 0.14 7.37 -13.37
N MET A 251 0.18 7.91 -12.16
CA MET A 251 -0.79 7.52 -11.15
C MET A 251 -2.19 8.04 -11.47
N GLU A 252 -2.28 9.21 -12.08
CA GLU A 252 -3.56 9.69 -12.59
C GLU A 252 -4.20 8.64 -13.48
N GLU A 253 -3.40 8.02 -14.35
CA GLU A 253 -3.93 6.97 -15.21
C GLU A 253 -4.31 5.74 -14.39
N ILE A 254 -3.47 5.34 -13.44
CA ILE A 254 -3.83 4.23 -12.54
C ILE A 254 -5.21 4.47 -11.94
N VAL A 255 -5.42 5.65 -11.35
CA VAL A 255 -6.64 5.92 -10.60
C VAL A 255 -7.87 5.72 -11.49
N LYS A 256 -7.83 6.29 -12.70
CA LYS A 256 -8.95 6.17 -13.61
C LYS A 256 -9.22 4.73 -13.98
N ILE A 257 -8.18 3.99 -14.37
CA ILE A 257 -8.35 2.58 -14.70
C ILE A 257 -8.99 1.86 -13.52
N MET A 258 -8.42 2.01 -12.34
CA MET A 258 -8.91 1.28 -11.18
C MET A 258 -10.32 1.74 -10.82
N THR A 259 -10.60 3.04 -10.97
CA THR A 259 -11.96 3.52 -10.69
C THR A 259 -12.97 2.82 -11.59
N HIS A 260 -12.67 2.74 -12.89
CA HIS A 260 -13.62 2.15 -13.82
C HIS A 260 -13.71 0.64 -13.66
N LEU A 261 -12.62 0.02 -13.22
CA LEU A 261 -12.67 -1.42 -13.00
C LEU A 261 -13.58 -1.79 -11.82
N MET A 262 -13.80 -0.89 -10.86
CA MET A 262 -14.49 -1.26 -9.64
C MET A 262 -15.94 -1.62 -9.90
N ARG A 263 -16.49 -1.14 -11.01
CA ARG A 263 -17.83 -1.54 -11.41
C ARG A 263 -17.96 -3.06 -11.46
N TYR A 264 -16.86 -3.76 -11.69
CA TYR A 264 -16.85 -5.21 -11.76
C TYR A 264 -16.33 -5.86 -10.47
N PHE A 265 -16.23 -5.10 -9.39
CA PHE A 265 -15.78 -5.63 -8.08
C PHE A 265 -16.65 -5.00 -6.99
N PRO A 266 -17.92 -5.33 -6.98
CA PRO A 266 -18.78 -4.87 -5.89
C PRO A 266 -18.40 -5.60 -4.61
N GLY A 267 -18.68 -4.95 -3.48
CA GLY A 267 -18.41 -5.53 -2.18
C GLY A 267 -17.28 -4.92 -1.36
N ALA A 268 -16.59 -3.89 -1.85
CA ALA A 268 -15.42 -3.39 -1.14
C ALA A 268 -15.77 -2.72 0.19
N ASP A 269 -17.03 -2.38 0.45
CA ASP A 269 -17.39 -1.80 1.73
C ASP A 269 -17.78 -2.82 2.78
N GLU A 270 -17.76 -4.12 2.46
CA GLU A 270 -18.08 -5.13 3.47
C GLU A 270 -16.93 -5.30 4.46
N PRO A 271 -17.17 -5.25 5.76
CA PRO A 271 -16.06 -5.36 6.72
C PRO A 271 -15.36 -6.70 6.62
N LEU A 272 -14.08 -6.70 7.00
CA LEU A 272 -13.32 -7.93 7.18
C LEU A 272 -13.73 -8.54 8.51
N GLN A 273 -14.34 -9.72 8.49
CA GLN A 273 -14.86 -10.30 9.73
C GLN A 273 -14.85 -11.82 9.73
N TYR A 274 -14.75 -12.38 8.61
CA TYR A 274 -14.76 -13.82 8.44
C TYR A 274 -13.33 -14.37 8.53
N PRO A 275 -13.13 -15.49 9.22
CA PRO A 275 -11.78 -16.04 9.38
C PRO A 275 -11.36 -16.77 8.11
N CYS A 276 -10.15 -17.32 8.16
CA CYS A 276 -9.50 -17.92 7.02
C CYS A 276 -8.31 -18.68 7.56
N GLN A 277 -8.03 -19.81 6.92
CA GLN A 277 -6.92 -20.66 7.32
C GLN A 277 -6.11 -20.80 6.04
N HIS A 278 -5.02 -20.04 5.95
CA HIS A 278 -4.42 -19.72 4.65
C HIS A 278 -3.39 -20.78 4.30
N SER A 279 -3.68 -21.52 3.24
CA SER A 279 -2.81 -22.56 2.70
C SER A 279 -2.12 -22.04 1.44
N LEU A 280 -0.80 -22.10 1.42
CA LEU A 280 -0.02 -21.50 0.34
C LEU A 280 0.75 -22.56 -0.44
N PRO A 281 0.27 -22.98 -1.61
CA PRO A 281 0.98 -24.03 -2.36
C PRO A 281 2.30 -23.52 -2.92
N PRO A 282 3.24 -24.41 -3.24
CA PRO A 282 4.49 -23.95 -3.86
C PRO A 282 4.26 -23.44 -5.26
N GLY A 283 5.14 -22.54 -5.69
CA GLY A 283 5.11 -22.04 -7.05
C GLY A 283 5.83 -22.99 -8.00
N GLU A 284 5.25 -23.15 -9.19
CA GLU A 284 5.77 -24.09 -10.17
C GLU A 284 5.26 -23.67 -11.54
N ASP A 285 5.87 -24.24 -12.59
CA ASP A 285 5.59 -23.91 -13.98
C ASP A 285 5.56 -22.39 -14.21
N GLY A 286 6.36 -21.66 -13.43
CA GLY A 286 6.54 -20.24 -13.65
C GLY A 286 5.33 -19.38 -13.41
N ARG A 287 4.25 -19.94 -12.86
CA ARG A 287 3.03 -19.21 -12.56
C ARG A 287 2.54 -19.58 -11.17
N VAL A 288 1.56 -18.84 -10.70
CA VAL A 288 1.04 -19.00 -9.34
C VAL A 288 -0.46 -18.75 -9.36
N GLU A 289 -1.15 -19.34 -8.42
CA GLU A 289 -2.58 -19.10 -8.34
C GLU A 289 -2.89 -17.92 -7.43
N PRO A 290 -3.93 -17.16 -7.75
CA PRO A 290 -4.31 -16.03 -6.89
C PRO A 290 -5.02 -16.53 -5.65
N TYR A 291 -5.01 -15.67 -4.62
CA TYR A 291 -5.82 -15.91 -3.45
C TYR A 291 -7.28 -15.54 -3.71
N VAL A 292 -7.52 -14.31 -4.14
CA VAL A 292 -8.88 -13.89 -4.47
C VAL A 292 -9.38 -14.65 -5.69
N ASP A 293 -10.70 -14.58 -5.91
CA ASP A 293 -11.40 -15.31 -6.96
C ASP A 293 -12.04 -14.30 -7.91
N PHE A 294 -11.69 -14.36 -9.20
CA PHE A 294 -12.25 -13.43 -10.17
C PHE A 294 -13.52 -13.93 -10.86
N ALA A 295 -14.01 -15.13 -10.51
CA ALA A 295 -15.22 -15.65 -11.14
C ALA A 295 -16.31 -14.60 -11.30
N GLU A 296 -16.60 -13.87 -10.22
CA GLU A 296 -17.67 -12.88 -10.29
C GLU A 296 -17.31 -11.72 -11.23
N PHE A 297 -16.01 -11.43 -11.40
CA PHE A 297 -15.61 -10.39 -12.34
C PHE A 297 -15.88 -10.80 -13.77
N TYR A 298 -15.50 -12.03 -14.13
CA TYR A 298 -15.77 -12.52 -15.48
C TYR A 298 -17.28 -12.56 -15.73
N ARG A 299 -18.08 -12.73 -14.67
CA ARG A 299 -19.53 -12.74 -14.84
C ARG A 299 -20.04 -11.34 -15.15
N LEU A 300 -19.71 -10.37 -14.30
CA LEU A 300 -20.22 -9.03 -14.50
C LEU A 300 -19.70 -8.43 -15.80
N TRP A 301 -18.49 -8.82 -16.21
CA TRP A 301 -17.89 -8.31 -17.44
C TRP A 301 -18.68 -8.78 -18.66
N SER A 302 -18.98 -10.09 -18.74
CA SER A 302 -19.68 -10.62 -19.91
C SER A 302 -21.11 -10.12 -20.01
N VAL A 303 -21.70 -9.68 -18.89
CA VAL A 303 -23.02 -9.07 -18.92
C VAL A 303 -22.99 -7.76 -19.70
N ASP A 304 -21.96 -6.96 -19.48
CA ASP A 304 -21.81 -5.69 -20.21
C ASP A 304 -21.30 -5.90 -21.63
N HIS A 305 -20.38 -6.84 -21.82
CA HIS A 305 -19.71 -7.02 -23.11
C HIS A 305 -20.40 -8.16 -23.85
N GLY A 306 -21.50 -7.80 -24.51
CA GLY A 306 -22.30 -8.76 -25.25
C GLY A 306 -23.17 -9.61 -24.36
#